data_9GIE
#
_entry.id   9GIE
#
_cell.length_a   72.448
_cell.length_b   78.868
_cell.length_c   91.984
_cell.angle_alpha   90
_cell.angle_beta   90
_cell.angle_gamma   90
#
_symmetry.space_group_name_H-M   'P 21 21 21'
#
loop_
_entity.id
_entity.type
_entity.pdbx_description
1 polymer 'Glutamate receptor ionotropic, NMDA 1'
2 non-polymer '(2~{R})-2-azanyl-3-[[4-(2-ethylphenyl)-2,3-dihydro-1~{H}-indol-2-yl]carbonylamino]propanoic acid'
3 water water
#
_entity_poly.entity_id   1
_entity_poly.type   'polypeptide(L)'
_entity_poly.pdbx_seq_one_letter_code
;MSTRLKIVTIHQEPFVYVKPTLSDGTCKEEFTVNGDPVKKVICTGPNDTSPGSPRHTVPQCCYGFCIDLLIKLARTMNFT
YEVHLVADGKFGTQERVNNSNKKEWNGMMGELLSGQADMIVAPLTINNERAQYIEFSKPFKYQGLTILVKKGTRITGIND
PRLRNPSDKFIYATVKQSSVDIYFRRQVELSTMYRHMEKHNYESAAEAIQAVRDNKLHAFIWDSAVLEFEASQKCDLVTT
GELFFRSGFGIGMRKDSPWKQNVSLSILKSHENGFMEDLDKTWVRYQECDSR
;
_entity_poly.pdbx_strand_id   A,B
#
loop_
_chem_comp.id
_chem_comp.type
_chem_comp.name
_chem_comp.formula
A1ILS non-polymer '(2~{R})-2-azanyl-3-[[4-(2-ethylphenyl)-2,3-dihydro-1~{H}-indol-2-yl]carbonylamino]propanoic acid' 'C20 H23 N3 O3'
#
# COMPACT_ATOMS: atom_id res chain seq x y z
N THR A 3 4.98 26.13 -12.56
CA THR A 3 4.94 25.68 -13.96
C THR A 3 3.55 25.08 -14.24
N ARG A 4 3.24 24.96 -15.54
CA ARG A 4 1.99 24.39 -16.02
C ARG A 4 2.25 22.95 -16.46
N LEU A 5 1.34 22.05 -16.03
CA LEU A 5 1.46 20.63 -16.32
C LEU A 5 0.34 20.18 -17.25
N LYS A 6 0.70 19.35 -18.22
CA LYS A 6 -0.28 18.61 -19.00
C LYS A 6 -0.67 17.32 -18.28
N ILE A 7 -1.92 17.22 -17.83
CA ILE A 7 -2.44 16.02 -17.17
C ILE A 7 -3.19 15.18 -18.21
N VAL A 8 -2.88 13.86 -18.22
CA VAL A 8 -3.61 12.89 -19.01
C VAL A 8 -4.40 11.99 -18.05
N THR A 9 -5.66 11.71 -18.43
CA THR A 9 -6.54 10.88 -17.62
C THR A 9 -7.40 10.02 -18.53
N ILE A 10 -8.33 9.25 -17.93
CA ILE A 10 -9.09 8.23 -18.64
C ILE A 10 -10.48 8.09 -17.99
N HIS A 11 -11.49 7.77 -18.82
CA HIS A 11 -12.84 7.53 -18.32
C HIS A 11 -12.77 6.24 -17.49
N GLN A 12 -13.17 6.31 -16.22
CA GLN A 12 -13.13 5.21 -15.27
C GLN A 12 -13.91 5.58 -14.01
N GLU A 13 -15.24 5.41 -14.08
CA GLU A 13 -16.09 5.65 -12.93
C GLU A 13 -15.69 4.68 -11.82
N PRO A 14 -15.69 5.06 -10.51
CA PRO A 14 -15.95 6.43 -10.04
C PRO A 14 -14.77 7.38 -9.87
N PHE A 15 -13.63 7.03 -10.47
CA PHE A 15 -12.40 7.81 -10.34
C PHE A 15 -12.43 9.02 -11.26
N VAL A 16 -12.91 8.84 -12.51
CA VAL A 16 -13.07 9.92 -13.48
C VAL A 16 -14.38 9.73 -14.24
N TYR A 17 -15.32 10.69 -14.07
CA TYR A 17 -16.52 10.83 -14.88
C TYR A 17 -16.24 11.85 -15.98
N VAL A 18 -16.93 11.70 -17.12
CA VAL A 18 -16.74 12.59 -18.26
C VAL A 18 -18.11 12.93 -18.85
N LYS A 19 -18.46 14.21 -18.88
CA LYS A 19 -19.76 14.69 -19.35
C LYS A 19 -19.56 15.84 -20.33
N PRO A 20 -20.58 16.20 -21.15
CA PRO A 20 -20.44 17.34 -22.05
C PRO A 20 -20.49 18.66 -21.29
N THR A 21 -19.73 19.63 -21.78
CA THR A 21 -19.85 21.02 -21.37
C THR A 21 -21.22 21.56 -21.80
N LEU A 22 -21.57 22.72 -21.23
CA LEU A 22 -22.74 23.47 -21.66
C LEU A 22 -22.49 24.07 -23.04
N SER A 23 -23.54 24.70 -23.58
CA SER A 23 -23.47 25.42 -24.86
C SER A 23 -22.24 26.31 -24.92
N ASP A 24 -22.00 27.10 -23.85
CA ASP A 24 -20.94 28.09 -23.80
C ASP A 24 -19.60 27.53 -23.27
N GLY A 25 -19.41 26.21 -23.27
CA GLY A 25 -18.12 25.59 -23.00
C GLY A 25 -17.70 25.68 -21.52
N THR A 26 -18.68 25.87 -20.63
CA THR A 26 -18.45 25.83 -19.19
C THR A 26 -19.14 24.60 -18.60
N CYS A 27 -18.80 24.34 -17.32
CA CYS A 27 -19.34 23.20 -16.60
C CYS A 27 -20.48 23.64 -15.70
N LYS A 28 -21.60 22.93 -15.74
CA LYS A 28 -22.73 23.15 -14.85
C LYS A 28 -22.31 22.80 -13.43
N GLU A 29 -22.88 23.53 -12.46
CA GLU A 29 -22.67 23.26 -11.03
C GLU A 29 -23.60 22.15 -10.54
N GLU A 30 -23.00 21.13 -9.92
CA GLU A 30 -23.74 20.01 -9.37
C GLU A 30 -23.29 19.77 -7.92
N PHE A 31 -24.12 19.01 -7.18
CA PHE A 31 -23.87 18.71 -5.78
C PHE A 31 -24.02 17.21 -5.53
N THR A 32 -23.41 16.75 -4.43
CA THR A 32 -23.34 15.32 -4.09
C THR A 32 -24.58 14.91 -3.29
N VAL A 33 -24.55 13.68 -2.75
CA VAL A 33 -25.58 13.19 -1.84
C VAL A 33 -25.57 14.01 -0.53
N ASN A 34 -24.38 14.43 -0.08
CA ASN A 34 -24.23 15.25 1.11
C ASN A 34 -24.72 16.68 0.89
N GLY A 35 -24.58 17.17 -0.35
CA GLY A 35 -24.82 18.56 -0.71
C GLY A 35 -23.52 19.34 -0.96
N ASP A 36 -22.38 18.63 -1.05
CA ASP A 36 -21.08 19.23 -1.29
C ASP A 36 -20.93 19.66 -2.74
N PRO A 37 -20.12 20.71 -3.02
CA PRO A 37 -19.87 21.12 -4.41
C PRO A 37 -19.00 20.13 -5.18
N VAL A 38 -19.55 19.58 -6.28
CA VAL A 38 -18.80 18.78 -7.22
C VAL A 38 -17.85 19.67 -8.02
N LYS A 39 -16.56 19.62 -7.68
CA LYS A 39 -15.52 20.31 -8.43
C LYS A 39 -15.35 19.64 -9.80
N LYS A 40 -15.21 20.47 -10.84
CA LYS A 40 -15.16 19.98 -12.21
C LYS A 40 -14.07 20.73 -12.96
N VAL A 41 -13.47 20.06 -13.95
CA VAL A 41 -12.40 20.66 -14.76
C VAL A 41 -12.72 20.42 -16.22
N ILE A 42 -12.31 21.36 -17.06
CA ILE A 42 -12.42 21.24 -18.50
C ILE A 42 -11.35 20.26 -18.95
N CYS A 43 -11.76 19.22 -19.67
CA CYS A 43 -10.83 18.27 -20.25
C CYS A 43 -11.17 18.12 -21.74
N THR A 44 -10.15 18.18 -22.60
CA THR A 44 -10.29 17.94 -24.03
C THR A 44 -10.15 16.45 -24.31
N GLY A 45 -10.82 15.98 -25.38
CA GLY A 45 -10.65 14.63 -25.88
C GLY A 45 -11.82 14.12 -26.72
N PRO A 46 -11.81 12.82 -27.08
CA PRO A 46 -12.85 12.23 -27.92
C PRO A 46 -14.25 12.13 -27.33
N ASN A 47 -15.25 12.02 -28.21
CA ASN A 47 -16.62 11.66 -27.87
C ASN A 47 -17.26 10.91 -29.05
N HIS A 56 -13.13 13.72 -33.30
CA HIS A 56 -13.91 14.96 -33.02
C HIS A 56 -13.59 15.42 -31.60
N THR A 57 -12.70 16.42 -31.46
CA THR A 57 -12.09 16.73 -30.18
C THR A 57 -12.79 17.95 -29.57
N VAL A 58 -13.59 17.71 -28.52
CA VAL A 58 -14.34 18.78 -27.86
C VAL A 58 -13.91 18.88 -26.39
N PRO A 59 -13.95 20.10 -25.80
CA PRO A 59 -13.90 20.23 -24.34
C PRO A 59 -15.08 19.52 -23.69
N GLN A 60 -14.79 18.78 -22.60
CA GLN A 60 -15.77 18.07 -21.78
C GLN A 60 -15.54 18.42 -20.32
N CYS A 61 -16.44 17.95 -19.44
CA CYS A 61 -16.33 18.17 -18.00
C CYS A 61 -15.90 16.87 -17.33
N CYS A 62 -14.89 16.97 -16.45
CA CYS A 62 -14.25 15.84 -15.81
C CYS A 62 -14.41 16.01 -14.29
N TYR A 63 -14.83 14.94 -13.59
CA TYR A 63 -14.86 14.97 -12.14
C TYR A 63 -14.73 13.57 -11.54
N GLY A 64 -14.56 13.54 -10.21
CA GLY A 64 -14.48 12.28 -9.48
C GLY A 64 -13.30 12.25 -8.51
N PHE A 65 -13.01 11.05 -8.00
CA PHE A 65 -11.97 10.83 -6.99
C PHE A 65 -10.65 11.42 -7.49
N CYS A 66 -10.22 10.95 -8.66
CA CYS A 66 -8.93 11.30 -9.22
C CYS A 66 -8.81 12.78 -9.55
N ILE A 67 -9.94 13.41 -9.90
CA ILE A 67 -9.98 14.85 -10.20
C ILE A 67 -9.87 15.67 -8.90
N ASP A 68 -10.59 15.30 -7.83
CA ASP A 68 -10.46 15.92 -6.51
C ASP A 68 -9.04 15.78 -5.95
N LEU A 69 -8.40 14.65 -6.26
CA LEU A 69 -7.03 14.41 -5.83
C LEU A 69 -6.07 15.35 -6.59
N LEU A 70 -6.30 15.56 -7.90
CA LEU A 70 -5.53 16.48 -8.71
C LEU A 70 -5.66 17.91 -8.20
N ILE A 71 -6.88 18.34 -7.84
CA ILE A 71 -7.13 19.68 -7.36
C ILE A 71 -6.40 19.87 -6.03
N LYS A 72 -6.41 18.87 -5.16
CA LYS A 72 -5.72 18.92 -3.87
C LYS A 72 -4.21 19.04 -4.05
N LEU A 73 -3.63 18.18 -4.92
CA LEU A 73 -2.22 18.24 -5.24
C LEU A 73 -1.80 19.62 -5.77
N ALA A 74 -2.62 20.22 -6.61
CA ALA A 74 -2.36 21.55 -7.16
C ALA A 74 -2.43 22.65 -6.09
N ARG A 75 -3.44 22.59 -5.22
CA ARG A 75 -3.60 23.51 -4.11
C ARG A 75 -2.46 23.40 -3.10
N THR A 76 -1.83 22.23 -2.95
CA THR A 76 -0.72 22.07 -2.01
C THR A 76 0.58 22.59 -2.61
N MET A 77 0.83 22.32 -3.91
CA MET A 77 2.13 22.58 -4.51
C MET A 77 2.12 23.76 -5.46
N ASN A 78 0.93 24.21 -5.89
CA ASN A 78 0.74 25.40 -6.70
C ASN A 78 1.34 25.23 -8.11
N PHE A 79 0.95 24.15 -8.77
CA PHE A 79 1.11 24.07 -10.21
C PHE A 79 -0.26 24.38 -10.81
N THR A 80 -0.25 24.93 -12.04
CA THR A 80 -1.45 24.97 -12.86
C THR A 80 -1.46 23.76 -13.77
N TYR A 81 -2.63 23.44 -14.33
CA TYR A 81 -2.79 22.24 -15.13
C TYR A 81 -3.78 22.49 -16.29
N GLU A 82 -3.59 21.72 -17.38
CA GLU A 82 -4.66 21.42 -18.33
C GLU A 82 -4.76 19.90 -18.51
N VAL A 83 -6.00 19.39 -18.50
CA VAL A 83 -6.29 17.98 -18.46
C VAL A 83 -6.76 17.58 -19.86
N HIS A 84 -6.37 16.38 -20.32
CA HIS A 84 -6.97 15.82 -21.52
C HIS A 84 -7.12 14.31 -21.35
N LEU A 85 -8.02 13.74 -22.16
CA LEU A 85 -8.30 12.32 -22.11
C LEU A 85 -7.37 11.66 -23.12
N VAL A 86 -6.77 10.53 -22.73
CA VAL A 86 -5.82 9.80 -23.57
C VAL A 86 -6.46 9.52 -24.92
N ALA A 87 -5.67 9.70 -26.00
CA ALA A 87 -6.20 9.70 -27.36
C ALA A 87 -6.66 8.32 -27.81
N ASP A 88 -5.83 7.29 -27.59
CA ASP A 88 -6.15 5.92 -28.00
C ASP A 88 -7.05 5.21 -26.98
N GLY A 89 -7.33 5.83 -25.82
CA GLY A 89 -8.35 5.36 -24.87
C GLY A 89 -7.86 4.32 -23.85
N LYS A 90 -6.53 4.09 -23.76
CA LYS A 90 -6.01 2.91 -23.07
C LYS A 90 -5.08 3.26 -21.91
N PHE A 91 -4.94 2.32 -20.95
CA PHE A 91 -4.04 2.47 -19.80
C PHE A 91 -2.59 2.50 -20.28
N GLY A 92 -2.20 1.49 -21.08
CA GLY A 92 -0.83 1.41 -21.59
C GLY A 92 -0.13 0.06 -21.37
N THR A 93 0.31 -0.55 -22.48
CA THR A 93 1.22 -1.69 -22.50
C THR A 93 2.37 -1.42 -23.46
N GLN A 94 3.48 -2.15 -23.25
CA GLN A 94 4.66 -2.08 -24.08
C GLN A 94 4.50 -3.18 -25.11
N GLU A 95 4.36 -2.78 -26.40
CA GLU A 95 4.11 -3.71 -27.50
C GLU A 95 4.75 -3.20 -28.83
N LYS A 103 10.72 -1.05 -28.66
CA LYS A 103 10.21 -1.04 -27.25
C LYS A 103 9.50 0.30 -26.97
N GLU A 104 8.24 0.39 -27.40
CA GLU A 104 7.43 1.60 -27.25
C GLU A 104 6.11 1.29 -26.54
N TRP A 105 5.66 2.25 -25.71
CA TRP A 105 4.40 2.18 -24.99
C TRP A 105 3.28 2.88 -25.76
N ASN A 106 2.06 2.37 -25.58
CA ASN A 106 0.82 3.02 -25.97
C ASN A 106 0.11 3.60 -24.73
N GLY A 107 -1.12 4.11 -24.93
CA GLY A 107 -1.95 4.62 -23.84
C GLY A 107 -1.37 5.84 -23.10
N MET A 108 -1.63 5.90 -21.80
CA MET A 108 -1.24 7.03 -20.96
C MET A 108 0.26 6.95 -20.68
N MET A 109 0.76 5.72 -20.51
CA MET A 109 2.19 5.46 -20.43
C MET A 109 2.90 6.07 -21.64
N GLY A 110 2.37 5.82 -22.85
CA GLY A 110 2.93 6.30 -24.11
C GLY A 110 2.99 7.83 -24.21
N GLU A 111 1.87 8.49 -23.85
CA GLU A 111 1.77 9.94 -23.83
C GLU A 111 2.71 10.58 -22.81
N LEU A 112 2.88 9.96 -21.64
CA LEU A 112 3.74 10.50 -20.60
C LEU A 112 5.20 10.45 -21.06
N LEU A 113 5.57 9.34 -21.73
CA LEU A 113 6.95 9.12 -22.17
C LEU A 113 7.34 9.98 -23.39
N SER A 114 6.40 10.21 -24.33
CA SER A 114 6.62 11.07 -25.48
C SER A 114 6.51 12.57 -25.14
N GLY A 115 6.00 12.92 -23.97
CA GLY A 115 5.93 14.31 -23.55
C GLY A 115 4.59 14.97 -23.90
N GLN A 116 3.63 14.20 -24.43
CA GLN A 116 2.25 14.66 -24.60
C GLN A 116 1.53 14.85 -23.25
N ALA A 117 2.07 14.25 -22.18
CA ALA A 117 1.60 14.52 -20.83
C ALA A 117 2.80 14.70 -19.92
N ASP A 118 2.63 15.47 -18.84
CA ASP A 118 3.63 15.58 -17.80
C ASP A 118 3.31 14.71 -16.58
N MET A 119 2.07 14.24 -16.47
CA MET A 119 1.58 13.58 -15.26
C MET A 119 0.34 12.77 -15.64
N ILE A 120 0.27 11.52 -15.17
CA ILE A 120 -0.91 10.69 -15.31
C ILE A 120 -1.69 10.75 -14.01
N VAL A 121 -2.99 11.05 -14.09
CA VAL A 121 -3.88 11.08 -12.93
C VAL A 121 -5.09 10.21 -13.24
N ALA A 122 -5.07 8.98 -12.69
CA ALA A 122 -6.07 7.98 -13.01
C ALA A 122 -5.96 6.81 -12.04
N PRO A 123 -6.86 5.81 -12.07
CA PRO A 123 -6.54 4.58 -11.36
C PRO A 123 -5.47 3.80 -12.15
N LEU A 124 -4.20 4.23 -12.04
CA LEU A 124 -3.11 3.59 -12.77
C LEU A 124 -2.36 2.59 -11.88
N THR A 125 -2.43 1.30 -12.25
CA THR A 125 -1.82 0.23 -11.49
C THR A 125 -0.30 0.38 -11.41
N ILE A 126 0.25 0.28 -10.19
CA ILE A 126 1.69 0.27 -9.95
C ILE A 126 2.18 -1.18 -10.13
N ASN A 127 3.09 -1.40 -11.10
CA ASN A 127 3.71 -2.69 -11.33
C ASN A 127 5.17 -2.55 -11.78
N ASN A 128 5.90 -3.68 -11.75
CA ASN A 128 7.35 -3.67 -11.96
C ASN A 128 7.68 -3.11 -13.34
N GLU A 129 6.99 -3.60 -14.37
CA GLU A 129 7.35 -3.29 -15.74
C GLU A 129 7.23 -1.80 -16.03
N ARG A 130 6.09 -1.20 -15.66
CA ARG A 130 5.87 0.24 -15.79
C ARG A 130 6.85 1.06 -14.95
N ALA A 131 7.23 0.54 -13.77
CA ALA A 131 8.13 1.28 -12.87
C ALA A 131 9.58 1.28 -13.36
N GLN A 132 9.92 0.46 -14.35
CA GLN A 132 11.21 0.55 -15.01
C GLN A 132 11.34 1.80 -15.88
N TYR A 133 10.22 2.30 -16.47
CA TYR A 133 10.24 3.43 -17.41
C TYR A 133 9.81 4.76 -16.80
N ILE A 134 8.96 4.76 -15.76
CA ILE A 134 8.45 5.99 -15.16
C ILE A 134 8.52 5.94 -13.63
N GLU A 135 8.33 7.09 -12.99
CA GLU A 135 8.17 7.21 -11.54
C GLU A 135 6.69 7.06 -11.15
N PHE A 136 6.42 6.21 -10.16
CA PHE A 136 5.13 6.18 -9.50
C PHE A 136 5.21 6.91 -8.16
N SER A 137 4.11 7.55 -7.74
CA SER A 137 4.03 8.14 -6.42
C SER A 137 3.80 7.03 -5.43
N LYS A 138 3.84 7.34 -4.14
CA LYS A 138 3.33 6.41 -3.17
C LYS A 138 1.87 6.16 -3.50
N PRO A 139 1.34 4.96 -3.21
CA PRO A 139 0.00 4.62 -3.67
C PRO A 139 -1.06 5.48 -2.97
N PHE A 140 -2.10 5.85 -3.73
CA PHE A 140 -3.22 6.56 -3.16
C PHE A 140 -4.36 5.60 -2.83
N LYS A 141 -4.35 4.41 -3.42
CA LYS A 141 -5.28 3.35 -3.09
C LYS A 141 -4.57 2.01 -3.29
N TYR A 142 -4.90 1.02 -2.44
CA TYR A 142 -4.35 -0.32 -2.50
C TYR A 142 -5.51 -1.30 -2.66
N GLN A 143 -5.48 -2.14 -3.69
CA GLN A 143 -6.63 -2.96 -4.08
C GLN A 143 -6.14 -4.20 -4.83
N GLY A 144 -7.05 -4.94 -5.48
CA GLY A 144 -6.66 -6.14 -6.20
C GLY A 144 -7.63 -6.47 -7.31
N LEU A 145 -7.38 -7.60 -7.99
CA LEU A 145 -8.24 -8.11 -9.06
C LEU A 145 -9.37 -8.96 -8.50
N THR A 146 -10.53 -8.82 -9.12
CA THR A 146 -11.72 -9.61 -8.82
C THR A 146 -12.42 -9.85 -10.16
N ILE A 147 -13.56 -10.53 -10.12
CA ILE A 147 -14.31 -10.83 -11.33
C ILE A 147 -15.73 -10.30 -11.12
N LEU A 148 -16.25 -9.54 -12.10
CA LEU A 148 -17.64 -9.11 -12.11
C LEU A 148 -18.47 -10.12 -12.89
N VAL A 149 -19.50 -10.66 -12.22
CA VAL A 149 -20.39 -11.67 -12.79
C VAL A 149 -21.82 -11.27 -12.48
N LYS A 150 -22.75 -11.96 -13.14
CA LYS A 150 -24.15 -11.88 -12.77
C LYS A 150 -24.30 -12.62 -11.45
N LYS A 151 -25.14 -12.07 -10.56
CA LYS A 151 -25.47 -12.70 -9.30
C LYS A 151 -25.97 -14.13 -9.53
N GLY A 152 -25.47 -15.07 -8.72
CA GLY A 152 -25.80 -16.49 -8.84
C GLY A 152 -24.67 -17.32 -9.46
N THR A 153 -23.77 -16.66 -10.21
CA THR A 153 -22.50 -17.23 -10.63
C THR A 153 -21.51 -17.18 -9.48
N ARG A 154 -20.86 -18.32 -9.18
CA ARG A 154 -19.75 -18.35 -8.22
C ARG A 154 -18.50 -18.92 -8.88
N ILE A 155 -17.35 -18.28 -8.62
CA ILE A 155 -16.06 -18.69 -9.15
C ILE A 155 -15.09 -18.88 -7.97
N THR A 156 -14.44 -20.06 -7.90
CA THR A 156 -13.52 -20.36 -6.82
C THR A 156 -12.28 -19.48 -6.97
N GLY A 157 -11.66 -19.57 -8.16
CA GLY A 157 -10.53 -18.74 -8.50
C GLY A 157 -10.22 -18.87 -9.99
N ILE A 158 -8.92 -18.82 -10.31
CA ILE A 158 -8.45 -18.88 -11.68
C ILE A 158 -8.63 -20.30 -12.26
N ASN A 159 -8.73 -21.32 -11.39
CA ASN A 159 -8.76 -22.72 -11.81
C ASN A 159 -10.19 -23.28 -11.90
N ASP A 160 -11.21 -22.43 -12.03
CA ASP A 160 -12.55 -22.88 -12.34
C ASP A 160 -12.58 -23.47 -13.74
N PRO A 161 -13.22 -24.65 -13.95
CA PRO A 161 -13.34 -25.30 -15.26
C PRO A 161 -13.65 -24.37 -16.42
N ARG A 162 -14.57 -23.42 -16.20
CA ARG A 162 -15.02 -22.50 -17.22
C ARG A 162 -13.87 -21.61 -17.71
N LEU A 163 -12.95 -21.24 -16.81
CA LEU A 163 -11.79 -20.45 -17.19
C LEU A 163 -10.68 -21.32 -17.80
N ARG A 164 -10.35 -22.44 -17.15
CA ARG A 164 -9.19 -23.26 -17.50
C ARG A 164 -9.38 -23.90 -18.87
N ASN A 165 -10.60 -24.39 -19.13
CA ASN A 165 -10.96 -25.07 -20.37
C ASN A 165 -12.13 -24.33 -21.02
N PRO A 166 -11.86 -23.22 -21.76
CA PRO A 166 -12.90 -22.31 -22.23
C PRO A 166 -13.83 -22.79 -23.36
N SER A 167 -14.83 -21.94 -23.67
CA SER A 167 -15.89 -22.25 -24.62
C SER A 167 -16.76 -21.02 -24.87
N ASP A 168 -17.69 -21.12 -25.84
CA ASP A 168 -18.67 -20.07 -26.08
C ASP A 168 -19.78 -20.09 -25.03
N LYS A 169 -19.86 -21.16 -24.22
CA LYS A 169 -20.89 -21.30 -23.19
C LYS A 169 -20.64 -20.33 -22.02
N PHE A 170 -19.39 -19.86 -21.87
CA PHE A 170 -19.01 -18.91 -20.83
C PHE A 170 -17.94 -17.95 -21.37
N ILE A 171 -18.35 -16.72 -21.72
CA ILE A 171 -17.45 -15.68 -22.24
C ILE A 171 -16.82 -14.89 -21.07
N TYR A 172 -15.51 -14.70 -21.16
CA TYR A 172 -14.77 -13.94 -20.15
C TYR A 172 -13.67 -13.14 -20.84
N ALA A 173 -13.37 -11.97 -20.28
CA ALA A 173 -12.47 -11.00 -20.90
C ALA A 173 -12.08 -9.90 -19.93
N THR A 174 -11.08 -9.11 -20.36
CA THR A 174 -10.62 -7.94 -19.65
C THR A 174 -10.50 -6.79 -20.67
N VAL A 175 -9.84 -5.69 -20.32
CA VAL A 175 -9.73 -4.55 -21.19
C VAL A 175 -8.39 -4.63 -21.90
N LYS A 176 -8.39 -4.41 -23.22
CA LYS A 176 -7.16 -4.45 -24.02
C LYS A 176 -6.20 -3.38 -23.48
N GLN A 177 -4.91 -3.75 -23.37
CA GLN A 177 -3.80 -2.84 -23.11
C GLN A 177 -3.89 -2.23 -21.71
N SER A 178 -4.44 -3.01 -20.77
CA SER A 178 -4.21 -2.84 -19.35
C SER A 178 -3.03 -3.72 -18.93
N SER A 179 -2.53 -3.56 -17.67
CA SER A 179 -1.53 -4.49 -17.14
C SER A 179 -2.06 -5.92 -17.13
N VAL A 180 -3.34 -6.09 -16.75
CA VAL A 180 -3.97 -7.40 -16.73
C VAL A 180 -3.77 -8.09 -18.08
N ASP A 181 -4.14 -7.40 -19.17
CA ASP A 181 -4.17 -7.96 -20.51
C ASP A 181 -2.83 -8.63 -20.85
N ILE A 182 -1.75 -7.84 -20.85
CA ILE A 182 -0.46 -8.35 -21.26
C ILE A 182 0.12 -9.35 -20.25
N TYR A 183 -0.30 -9.30 -18.98
CA TYR A 183 0.09 -10.33 -18.00
C TYR A 183 -0.50 -11.69 -18.40
N PHE A 184 -1.81 -11.74 -18.71
CA PHE A 184 -2.41 -12.98 -19.19
C PHE A 184 -1.77 -13.44 -20.51
N ARG A 185 -1.48 -12.50 -21.43
CA ARG A 185 -0.95 -12.87 -22.74
C ARG A 185 0.48 -13.41 -22.67
N ARG A 186 1.23 -13.13 -21.59
CA ARG A 186 2.64 -13.46 -21.49
C ARG A 186 2.91 -14.73 -20.70
N GLN A 187 2.03 -15.07 -19.76
CA GLN A 187 2.25 -16.20 -18.86
C GLN A 187 2.04 -17.51 -19.60
N VAL A 188 3.06 -18.40 -19.51
CA VAL A 188 3.00 -19.72 -20.10
C VAL A 188 1.85 -20.54 -19.47
N GLU A 189 1.66 -20.39 -18.15
CA GLU A 189 0.56 -21.03 -17.41
C GLU A 189 -0.82 -20.72 -18.02
N LEU A 190 -1.04 -19.49 -18.52
CA LEU A 190 -2.35 -18.99 -18.91
C LEU A 190 -2.57 -19.05 -20.43
N SER A 191 -1.75 -19.81 -21.17
CA SER A 191 -1.86 -19.95 -22.62
C SER A 191 -3.31 -20.18 -23.06
N THR A 192 -3.97 -21.16 -22.42
CA THR A 192 -5.29 -21.60 -22.83
C THR A 192 -6.32 -20.47 -22.68
N MET A 193 -6.10 -19.58 -21.70
CA MET A 193 -7.01 -18.46 -21.48
C MET A 193 -6.79 -17.34 -22.50
N TYR A 194 -5.53 -17.03 -22.82
CA TYR A 194 -5.19 -15.91 -23.71
C TYR A 194 -5.90 -16.00 -25.06
N ARG A 195 -5.98 -17.19 -25.66
CA ARG A 195 -6.55 -17.37 -27.00
C ARG A 195 -8.07 -17.12 -27.00
N HIS A 196 -8.75 -17.44 -25.90
CA HIS A 196 -10.18 -17.19 -25.77
C HIS A 196 -10.46 -15.71 -25.54
N MET A 197 -9.61 -15.06 -24.73
CA MET A 197 -9.77 -13.64 -24.40
C MET A 197 -9.40 -12.73 -25.57
N GLU A 198 -8.42 -13.14 -26.40
CA GLU A 198 -8.03 -12.42 -27.60
C GLU A 198 -9.21 -12.24 -28.56
N LYS A 199 -10.26 -13.06 -28.45
CA LYS A 199 -11.47 -12.87 -29.23
C LYS A 199 -12.41 -11.85 -28.57
N HIS A 200 -12.38 -11.75 -27.23
CA HIS A 200 -13.45 -11.08 -26.48
C HIS A 200 -13.01 -9.87 -25.63
N ASN A 201 -11.72 -9.54 -25.59
CA ASN A 201 -11.26 -8.39 -24.81
C ASN A 201 -11.89 -7.07 -25.31
N TYR A 202 -12.33 -6.23 -24.37
CA TYR A 202 -13.03 -5.00 -24.70
C TYR A 202 -12.08 -3.81 -24.80
N GLU A 203 -12.59 -2.72 -25.37
CA GLU A 203 -11.85 -1.47 -25.55
C GLU A 203 -11.89 -0.61 -24.29
N SER A 204 -13.00 -0.67 -23.54
CA SER A 204 -13.18 0.12 -22.32
C SER A 204 -13.90 -0.70 -21.25
N ALA A 205 -13.70 -0.33 -19.97
CA ALA A 205 -14.33 -0.97 -18.83
C ALA A 205 -15.85 -0.80 -18.87
N ALA A 206 -16.31 0.39 -19.23
CA ALA A 206 -17.75 0.66 -19.21
C ALA A 206 -18.50 -0.22 -20.23
N GLU A 207 -17.89 -0.44 -21.41
CA GLU A 207 -18.42 -1.39 -22.38
C GLU A 207 -18.54 -2.80 -21.80
N ALA A 208 -17.46 -3.30 -21.19
CA ALA A 208 -17.43 -4.61 -20.55
C ALA A 208 -18.48 -4.72 -19.45
N ILE A 209 -18.60 -3.69 -18.61
CA ILE A 209 -19.57 -3.70 -17.53
C ILE A 209 -20.99 -3.80 -18.07
N GLN A 210 -21.31 -3.12 -19.18
CA GLN A 210 -22.64 -3.18 -19.79
C GLN A 210 -22.92 -4.61 -20.29
N ALA A 211 -21.93 -5.20 -20.98
CA ALA A 211 -21.98 -6.58 -21.45
C ALA A 211 -22.37 -7.57 -20.34
N VAL A 212 -21.87 -7.39 -19.11
CA VAL A 212 -22.21 -8.29 -18.02
C VAL A 212 -23.70 -8.18 -17.72
N ARG A 213 -24.28 -6.98 -17.85
CA ARG A 213 -25.70 -6.76 -17.61
C ARG A 213 -26.54 -7.32 -18.76
N ASP A 214 -26.09 -7.13 -20.01
CA ASP A 214 -26.78 -7.64 -21.19
C ASP A 214 -26.64 -9.16 -21.34
N ASN A 215 -25.73 -9.80 -20.58
CA ASN A 215 -25.43 -11.23 -20.71
C ASN A 215 -24.70 -11.54 -22.02
N LYS A 216 -23.95 -10.56 -22.54
CA LYS A 216 -23.03 -10.74 -23.65
C LYS A 216 -21.65 -11.18 -23.14
N LEU A 217 -21.32 -10.78 -21.90
CA LEU A 217 -20.10 -11.23 -21.21
C LEU A 217 -20.51 -11.86 -19.88
N HIS A 218 -19.92 -13.01 -19.55
CA HIS A 218 -20.28 -13.75 -18.35
C HIS A 218 -19.36 -13.39 -17.18
N ALA A 219 -18.11 -13.01 -17.47
CA ALA A 219 -17.13 -12.71 -16.42
C ALA A 219 -16.15 -11.65 -16.88
N PHE A 220 -16.16 -10.49 -16.19
CA PHE A 220 -15.22 -9.41 -16.46
C PHE A 220 -14.16 -9.38 -15.37
N ILE A 221 -12.91 -9.63 -15.77
CA ILE A 221 -11.76 -9.57 -14.88
C ILE A 221 -11.20 -8.14 -14.84
N TRP A 222 -11.24 -7.52 -13.66
CA TRP A 222 -10.85 -6.12 -13.49
C TRP A 222 -10.59 -5.76 -12.01
N ASP A 223 -10.12 -4.52 -11.82
CA ASP A 223 -9.80 -3.91 -10.54
C ASP A 223 -10.98 -3.96 -9.57
N SER A 224 -10.67 -4.28 -8.30
CA SER A 224 -11.70 -4.44 -7.28
C SER A 224 -12.28 -3.09 -6.89
N ALA A 225 -11.48 -2.02 -6.91
CA ALA A 225 -11.97 -0.68 -6.54
C ALA A 225 -13.10 -0.25 -7.48
N VAL A 226 -12.94 -0.54 -8.77
CA VAL A 226 -13.95 -0.24 -9.77
C VAL A 226 -15.13 -1.22 -9.69
N LEU A 227 -14.87 -2.53 -9.66
CA LEU A 227 -15.93 -3.54 -9.74
C LEU A 227 -16.77 -3.60 -8.46
N GLU A 228 -16.17 -3.40 -7.28
CA GLU A 228 -16.94 -3.33 -6.05
C GLU A 228 -17.92 -2.16 -6.06
N PHE A 229 -17.51 -1.01 -6.65
CA PHE A 229 -18.38 0.14 -6.83
C PHE A 229 -19.53 -0.18 -7.77
N GLU A 230 -19.28 -0.90 -8.87
CA GLU A 230 -20.33 -1.25 -9.83
C GLU A 230 -21.37 -2.18 -9.20
N ALA A 231 -20.93 -3.18 -8.42
CA ALA A 231 -21.84 -4.09 -7.74
C ALA A 231 -22.69 -3.37 -6.68
N SER A 232 -22.16 -2.29 -6.06
CA SER A 232 -22.89 -1.48 -5.09
C SER A 232 -24.08 -0.75 -5.71
N GLN A 233 -23.92 -0.27 -6.95
CA GLN A 233 -24.98 0.42 -7.67
C GLN A 233 -26.01 -0.57 -8.22
N LYS A 234 -25.55 -1.75 -8.65
CA LYS A 234 -26.35 -2.70 -9.42
C LYS A 234 -26.50 -4.04 -8.69
N CYS A 235 -27.73 -4.31 -8.24
CA CYS A 235 -28.05 -5.49 -7.44
C CYS A 235 -27.97 -6.79 -8.24
N ASP A 236 -28.10 -6.70 -9.58
CA ASP A 236 -27.96 -7.85 -10.47
C ASP A 236 -26.51 -8.35 -10.54
N LEU A 237 -25.53 -7.48 -10.24
CA LEU A 237 -24.12 -7.81 -10.34
C LEU A 237 -23.49 -8.10 -8.98
N VAL A 238 -22.56 -9.06 -8.94
CA VAL A 238 -21.68 -9.25 -7.79
C VAL A 238 -20.25 -9.44 -8.26
N THR A 239 -19.33 -9.29 -7.30
CA THR A 239 -17.94 -9.63 -7.49
C THR A 239 -17.72 -10.93 -6.75
N THR A 240 -16.93 -11.80 -7.37
CA THR A 240 -16.63 -13.11 -6.82
C THR A 240 -15.12 -13.32 -6.92
N GLY A 241 -14.51 -13.65 -5.77
CA GLY A 241 -13.11 -14.04 -5.71
C GLY A 241 -12.17 -12.89 -5.37
N GLU A 242 -10.93 -13.28 -5.05
CA GLU A 242 -9.76 -12.42 -5.10
C GLU A 242 -8.72 -13.20 -5.89
N LEU A 243 -8.37 -12.68 -7.08
CA LEU A 243 -7.36 -13.29 -7.94
C LEU A 243 -5.99 -12.72 -7.60
N PHE A 244 -4.96 -13.54 -7.78
CA PHE A 244 -3.57 -13.13 -7.70
C PHE A 244 -3.35 -12.39 -6.39
N PHE A 245 -2.71 -11.23 -6.46
CA PHE A 245 -2.20 -10.50 -5.30
C PHE A 245 -2.71 -9.06 -5.38
N ARG A 246 -2.40 -8.26 -4.34
CA ARG A 246 -2.83 -6.87 -4.28
C ARG A 246 -1.77 -5.93 -4.87
N SER A 247 -2.22 -4.79 -5.39
CA SER A 247 -1.34 -3.76 -5.92
C SER A 247 -2.00 -2.39 -5.74
N GLY A 248 -1.24 -1.32 -5.98
CA GLY A 248 -1.73 0.01 -5.70
C GLY A 248 -2.10 0.78 -6.97
N PHE A 249 -2.74 1.91 -6.76
CA PHE A 249 -2.83 2.95 -7.77
C PHE A 249 -1.89 4.09 -7.38
N GLY A 250 -1.24 4.66 -8.40
CA GLY A 250 -0.33 5.76 -8.17
C GLY A 250 -0.36 6.77 -9.30
N ILE A 251 0.14 7.97 -8.99
CA ILE A 251 0.33 9.04 -9.96
C ILE A 251 1.59 8.71 -10.74
N GLY A 252 1.49 8.78 -12.07
CA GLY A 252 2.63 8.59 -12.97
C GLY A 252 3.30 9.90 -13.34
N MET A 253 4.65 9.89 -13.36
CA MET A 253 5.47 11.03 -13.76
C MET A 253 6.70 10.50 -14.47
N ARG A 254 7.34 11.32 -15.33
CA ARG A 254 8.63 10.95 -15.89
C ARG A 254 9.66 10.90 -14.75
N LYS A 255 10.74 10.13 -14.99
CA LYS A 255 11.76 9.85 -13.99
C LYS A 255 12.41 11.11 -13.43
N ASP A 256 12.55 12.18 -14.23
CA ASP A 256 13.27 13.36 -13.78
C ASP A 256 12.32 14.56 -13.63
N SER A 257 11.11 14.30 -13.12
CA SER A 257 10.15 15.33 -12.78
C SER A 257 10.55 15.98 -11.45
N PRO A 258 10.63 17.32 -11.36
CA PRO A 258 10.92 17.96 -10.07
C PRO A 258 9.79 17.94 -9.05
N TRP A 259 8.61 17.39 -9.41
CA TRP A 259 7.45 17.33 -8.55
C TRP A 259 7.27 15.99 -7.81
N LYS A 260 8.05 14.95 -8.13
CA LYS A 260 7.78 13.61 -7.61
C LYS A 260 7.82 13.48 -6.07
N GLN A 261 8.76 14.20 -5.40
CA GLN A 261 8.87 14.20 -3.94
C GLN A 261 7.68 14.89 -3.29
N ASN A 262 7.27 16.05 -3.84
CA ASN A 262 6.13 16.78 -3.30
C ASN A 262 4.80 16.04 -3.56
N VAL A 263 4.70 15.31 -4.68
CA VAL A 263 3.51 14.53 -4.97
C VAL A 263 3.33 13.44 -3.91
N SER A 264 4.35 12.61 -3.69
CA SER A 264 4.32 11.55 -2.68
C SER A 264 4.06 12.07 -1.26
N LEU A 265 4.76 13.13 -0.84
CA LEU A 265 4.54 13.76 0.46
C LEU A 265 3.07 14.14 0.65
N SER A 266 2.45 14.68 -0.42
CA SER A 266 1.07 15.13 -0.36
C SER A 266 0.10 13.96 -0.25
N ILE A 267 0.41 12.87 -0.97
CA ILE A 267 -0.39 11.65 -0.92
C ILE A 267 -0.31 10.97 0.46
N LEU A 268 0.90 10.88 1.02
CA LEU A 268 1.08 10.36 2.37
C LEU A 268 0.30 11.20 3.40
N LYS A 269 0.42 12.53 3.29
CA LYS A 269 -0.31 13.43 4.18
C LYS A 269 -1.83 13.31 3.97
N SER A 270 -2.31 13.09 2.74
CA SER A 270 -3.74 12.91 2.50
C SER A 270 -4.30 11.64 3.12
N HIS A 271 -3.49 10.59 3.32
CA HIS A 271 -3.92 9.45 4.12
C HIS A 271 -4.04 9.81 5.61
N GLU A 272 -3.15 10.64 6.13
CA GLU A 272 -3.06 10.95 7.56
C GLU A 272 -3.95 12.11 8.00
N ASN A 273 -4.40 13.00 7.12
CA ASN A 273 -5.20 14.15 7.52
C ASN A 273 -6.70 13.98 7.24
N GLY A 274 -7.14 12.77 6.89
CA GLY A 274 -8.56 12.53 6.65
C GLY A 274 -9.01 12.79 5.20
N PHE A 275 -8.12 13.24 4.31
CA PHE A 275 -8.54 13.67 2.98
C PHE A 275 -8.94 12.48 2.08
N MET A 276 -8.15 11.40 2.06
CA MET A 276 -8.47 10.25 1.21
C MET A 276 -9.74 9.57 1.69
N GLU A 277 -9.89 9.43 3.01
CA GLU A 277 -11.09 8.91 3.63
C GLU A 277 -12.33 9.67 3.16
N ASP A 278 -12.25 11.01 3.06
CA ASP A 278 -13.37 11.84 2.59
C ASP A 278 -13.69 11.62 1.12
N LEU A 279 -12.67 11.35 0.29
CA LEU A 279 -12.87 11.00 -1.09
C LEU A 279 -13.62 9.67 -1.22
N ASP A 280 -13.33 8.73 -0.31
CA ASP A 280 -14.01 7.44 -0.26
C ASP A 280 -15.47 7.63 0.08
N LYS A 281 -15.78 8.38 1.14
CA LYS A 281 -17.16 8.66 1.51
C LYS A 281 -17.90 9.32 0.36
N THR A 282 -17.25 10.24 -0.36
CA THR A 282 -17.91 11.03 -1.40
C THR A 282 -18.15 10.20 -2.66
N TRP A 283 -17.12 9.50 -3.17
CA TRP A 283 -17.20 8.86 -4.48
C TRP A 283 -17.46 7.35 -4.48
N VAL A 284 -17.17 6.65 -3.37
CA VAL A 284 -17.00 5.20 -3.43
C VAL A 284 -18.02 4.45 -2.56
N ARG A 285 -18.40 5.01 -1.40
CA ARG A 285 -19.29 4.33 -0.46
C ARG A 285 -20.46 5.29 -0.11
N THR B 3 31.37 -1.59 -1.73
CA THR B 3 30.99 -0.91 -0.46
C THR B 3 29.98 -1.78 0.30
N ARG B 4 30.32 -2.10 1.55
CA ARG B 4 29.47 -2.91 2.41
C ARG B 4 28.38 -2.00 2.99
N LEU B 5 27.12 -2.36 2.74
CA LEU B 5 25.98 -1.64 3.30
C LEU B 5 25.82 -2.02 4.78
N LYS B 6 25.92 -1.02 5.65
CA LYS B 6 25.50 -1.15 7.03
C LYS B 6 23.97 -1.19 7.07
N ILE B 7 23.43 -2.39 7.35
CA ILE B 7 21.99 -2.61 7.55
C ILE B 7 21.66 -2.47 9.02
N VAL B 8 20.71 -1.60 9.36
CA VAL B 8 20.22 -1.50 10.73
C VAL B 8 18.80 -2.10 10.83
N THR B 9 18.53 -2.76 11.97
CA THR B 9 17.24 -3.38 12.20
C THR B 9 16.88 -3.28 13.68
N ILE B 10 15.73 -3.90 14.02
CA ILE B 10 15.21 -3.89 15.37
C ILE B 10 14.51 -5.23 15.67
N HIS B 11 14.45 -5.56 16.95
CA HIS B 11 13.70 -6.71 17.46
C HIS B 11 12.19 -6.47 17.29
N GLN B 12 11.51 -7.30 16.49
CA GLN B 12 10.07 -7.12 16.29
C GLN B 12 9.45 -8.37 15.64
N GLU B 13 9.00 -9.32 16.48
CA GLU B 13 8.44 -10.56 15.98
C GLU B 13 7.10 -10.27 15.32
N PRO B 14 6.74 -10.94 14.18
CA PRO B 14 7.56 -11.97 13.52
C PRO B 14 8.42 -11.52 12.33
N PHE B 15 8.75 -10.22 12.31
CA PHE B 15 9.51 -9.63 11.21
C PHE B 15 11.00 -9.83 11.45
N VAL B 16 11.43 -9.64 12.71
CA VAL B 16 12.80 -9.90 13.13
C VAL B 16 12.79 -10.61 14.48
N TYR B 17 13.25 -11.86 14.49
CA TYR B 17 13.54 -12.58 15.72
C TYR B 17 15.03 -12.40 16.04
N VAL B 18 15.35 -12.31 17.33
CA VAL B 18 16.72 -12.11 17.80
C VAL B 18 17.01 -13.14 18.89
N LYS B 19 18.05 -13.97 18.66
CA LYS B 19 18.41 -15.03 19.60
C LYS B 19 19.92 -14.99 19.83
N PRO B 20 20.41 -15.57 20.96
CA PRO B 20 21.85 -15.68 21.17
C PRO B 20 22.45 -16.76 20.28
N THR B 21 23.74 -16.58 19.92
CA THR B 21 24.55 -17.61 19.27
C THR B 21 24.80 -18.81 20.20
N LEU B 22 25.32 -19.89 19.60
CA LEU B 22 25.82 -21.04 20.33
C LEU B 22 27.22 -20.72 20.86
N SER B 23 27.84 -21.71 21.54
CA SER B 23 29.19 -21.61 22.09
C SER B 23 30.21 -21.22 21.01
N ASP B 24 30.19 -21.94 19.89
CA ASP B 24 31.17 -21.79 18.81
C ASP B 24 30.94 -20.54 17.95
N GLY B 25 29.83 -19.81 18.15
CA GLY B 25 29.57 -18.54 17.49
C GLY B 25 28.65 -18.65 16.26
N THR B 26 28.20 -19.88 15.96
CA THR B 26 27.28 -20.12 14.86
C THR B 26 25.84 -19.96 15.37
N CYS B 27 24.89 -20.06 14.44
CA CYS B 27 23.47 -20.06 14.75
C CYS B 27 22.92 -21.48 14.66
N LYS B 28 21.93 -21.77 15.51
CA LYS B 28 21.35 -23.10 15.60
C LYS B 28 20.65 -23.42 14.27
N GLU B 29 20.96 -24.59 13.71
CA GLU B 29 20.34 -25.03 12.48
C GLU B 29 18.88 -25.41 12.74
N GLU B 30 17.97 -24.53 12.31
CA GLU B 30 16.53 -24.78 12.41
C GLU B 30 15.97 -25.05 11.03
N PHE B 31 14.79 -25.65 10.99
CA PHE B 31 14.10 -25.93 9.75
C PHE B 31 12.61 -25.62 9.94
N THR B 32 11.97 -25.14 8.86
CA THR B 32 10.54 -24.89 8.91
C THR B 32 9.81 -26.24 8.90
N VAL B 33 8.51 -26.21 9.23
CA VAL B 33 7.69 -27.41 9.27
C VAL B 33 7.65 -28.13 7.91
N ASN B 34 7.90 -27.39 6.82
CA ASN B 34 7.92 -27.96 5.47
C ASN B 34 9.32 -28.42 5.03
N GLY B 35 10.33 -28.33 5.91
CA GLY B 35 11.62 -28.99 5.69
C GLY B 35 12.74 -28.06 5.21
N ASP B 36 12.40 -26.81 4.86
CA ASP B 36 13.37 -25.89 4.28
C ASP B 36 14.22 -25.29 5.40
N PRO B 37 15.51 -24.95 5.15
CA PRO B 37 16.34 -24.29 6.17
C PRO B 37 15.86 -22.88 6.50
N VAL B 38 15.91 -22.53 7.79
CA VAL B 38 15.61 -21.19 8.25
C VAL B 38 16.91 -20.42 8.15
N LYS B 39 16.86 -19.31 7.41
CA LYS B 39 18.05 -18.53 7.11
C LYS B 39 18.26 -17.54 8.24
N LYS B 40 19.51 -17.45 8.72
CA LYS B 40 19.83 -16.55 9.82
C LYS B 40 21.12 -15.81 9.52
N VAL B 41 21.27 -14.63 10.12
CA VAL B 41 22.48 -13.83 9.95
C VAL B 41 22.99 -13.42 11.33
N ILE B 42 24.28 -13.11 11.38
CA ILE B 42 24.94 -12.63 12.59
C ILE B 42 24.72 -11.12 12.67
N CYS B 43 23.72 -10.71 13.47
CA CYS B 43 23.56 -9.31 13.82
C CYS B 43 24.42 -9.02 15.05
N THR B 44 24.90 -7.78 15.18
CA THR B 44 25.54 -7.28 16.40
C THR B 44 24.61 -6.25 17.03
N GLY B 45 24.67 -6.12 18.35
CA GLY B 45 23.97 -5.04 19.02
C GLY B 45 23.88 -5.31 20.51
N PRO B 46 23.23 -4.41 21.28
CA PRO B 46 23.12 -4.60 22.74
C PRO B 46 22.14 -5.74 23.07
N ASN B 47 22.29 -6.34 24.26
CA ASN B 47 21.50 -7.50 24.68
C ASN B 47 20.95 -7.34 26.11
N ASP B 48 20.94 -6.11 26.64
CA ASP B 48 20.28 -5.83 27.91
C ASP B 48 20.24 -4.31 28.17
N THR B 57 28.45 -4.52 22.73
CA THR B 57 28.09 -5.08 21.41
C THR B 57 28.63 -6.51 21.32
N VAL B 58 27.69 -7.46 21.15
CA VAL B 58 28.02 -8.88 21.09
C VAL B 58 27.15 -9.56 20.02
N PRO B 59 27.66 -10.59 19.30
CA PRO B 59 26.94 -11.14 18.16
C PRO B 59 25.71 -11.91 18.59
N GLN B 60 24.65 -11.85 17.76
CA GLN B 60 23.40 -12.56 17.95
C GLN B 60 22.89 -13.07 16.61
N CYS B 61 21.93 -13.99 16.65
CA CYS B 61 21.30 -14.56 15.45
C CYS B 61 19.99 -13.84 15.16
N CYS B 62 19.89 -13.25 13.96
CA CYS B 62 18.71 -12.55 13.48
C CYS B 62 18.05 -13.37 12.37
N TYR B 63 16.72 -13.46 12.36
CA TYR B 63 15.98 -14.16 11.33
C TYR B 63 14.53 -13.68 11.31
N GLY B 64 13.81 -13.93 10.21
CA GLY B 64 12.40 -13.55 10.12
C GLY B 64 11.98 -13.04 8.73
N PHE B 65 10.76 -12.48 8.65
CA PHE B 65 10.19 -11.92 7.43
C PHE B 65 11.20 -10.98 6.77
N CYS B 66 11.72 -10.02 7.56
CA CYS B 66 12.53 -8.94 7.03
C CYS B 66 14.00 -9.34 6.75
N ILE B 67 14.48 -10.45 7.34
CA ILE B 67 15.83 -10.92 7.05
C ILE B 67 15.80 -11.75 5.77
N ASP B 68 14.75 -12.56 5.56
CA ASP B 68 14.50 -13.20 4.29
C ASP B 68 14.44 -12.17 3.14
N LEU B 69 13.83 -11.01 3.41
CA LEU B 69 13.69 -9.95 2.43
C LEU B 69 15.04 -9.32 2.15
N LEU B 70 15.82 -9.03 3.21
CA LEU B 70 17.17 -8.52 3.07
C LEU B 70 17.96 -9.43 2.16
N ILE B 71 17.89 -10.74 2.44
CA ILE B 71 18.64 -11.72 1.67
C ILE B 71 18.21 -11.70 0.21
N LYS B 72 16.92 -11.54 -0.06
CA LYS B 72 16.42 -11.44 -1.43
C LYS B 72 17.11 -10.27 -2.15
N LEU B 73 17.00 -9.08 -1.57
CA LEU B 73 17.53 -7.85 -2.15
C LEU B 73 19.05 -7.91 -2.36
N ALA B 74 19.80 -8.43 -1.37
CA ALA B 74 21.23 -8.68 -1.49
C ALA B 74 21.54 -9.47 -2.77
N ARG B 75 20.86 -10.59 -2.98
CA ARG B 75 21.11 -11.47 -4.11
C ARG B 75 20.76 -10.78 -5.44
N THR B 76 19.61 -10.10 -5.49
CA THR B 76 19.10 -9.46 -6.70
C THR B 76 19.97 -8.27 -7.12
N MET B 77 20.36 -7.40 -6.17
CA MET B 77 21.14 -6.19 -6.46
C MET B 77 22.66 -6.43 -6.28
N ASN B 78 23.06 -7.59 -5.75
CA ASN B 78 24.46 -8.01 -5.62
C ASN B 78 25.25 -7.01 -4.74
N PHE B 79 24.90 -6.96 -3.45
CA PHE B 79 25.68 -6.23 -2.46
C PHE B 79 25.90 -7.08 -1.21
N THR B 80 26.85 -6.62 -0.37
CA THR B 80 27.13 -7.25 0.91
C THR B 80 26.63 -6.33 2.02
N TYR B 81 26.31 -6.98 3.16
CA TYR B 81 25.71 -6.31 4.30
C TYR B 81 26.36 -6.75 5.61
N GLU B 82 26.25 -5.88 6.62
CA GLU B 82 26.54 -6.17 8.01
C GLU B 82 25.38 -5.62 8.85
N VAL B 83 24.55 -6.54 9.34
CA VAL B 83 23.34 -6.19 10.09
C VAL B 83 23.71 -5.79 11.51
N HIS B 84 23.12 -4.72 12.03
CA HIS B 84 23.27 -4.35 13.44
C HIS B 84 21.93 -3.89 14.04
N LEU B 85 21.76 -4.09 15.35
CA LEU B 85 20.54 -3.67 16.03
C LEU B 85 20.69 -2.24 16.51
N VAL B 86 19.72 -1.38 16.15
CA VAL B 86 19.69 0.02 16.57
C VAL B 86 20.13 0.20 18.04
N ALA B 87 20.99 1.19 18.28
CA ALA B 87 21.64 1.37 19.57
C ALA B 87 20.61 1.61 20.67
N ASP B 88 19.74 2.60 20.49
CA ASP B 88 18.77 2.97 21.52
C ASP B 88 17.52 2.07 21.57
N GLY B 89 17.43 1.06 20.71
CA GLY B 89 16.26 0.19 20.63
C GLY B 89 14.97 0.87 20.15
N LYS B 90 15.06 1.96 19.38
CA LYS B 90 13.88 2.71 18.94
C LYS B 90 13.67 2.73 17.42
N PHE B 91 12.44 3.06 17.02
CA PHE B 91 12.06 3.15 15.61
C PHE B 91 12.57 4.49 15.08
N GLY B 92 12.13 5.59 15.69
CA GLY B 92 12.69 6.90 15.40
C GLY B 92 11.63 7.98 15.36
N THR B 93 11.76 8.98 16.28
CA THR B 93 11.04 10.23 16.18
C THR B 93 12.03 11.38 16.02
N GLN B 94 11.46 12.58 15.88
CA GLN B 94 12.22 13.82 15.82
C GLN B 94 11.82 14.63 17.05
N GLU B 95 12.77 14.91 17.96
CA GLU B 95 12.49 15.72 19.15
C GLU B 95 13.48 16.87 19.32
N ARG B 96 12.99 17.98 19.90
CA ARG B 96 13.77 19.19 20.17
C ARG B 96 15.10 18.83 20.86
N LYS B 102 17.01 23.19 17.09
CA LYS B 102 17.69 21.89 16.82
C LYS B 102 16.73 20.75 17.21
N LYS B 103 16.04 20.20 16.19
CA LYS B 103 15.23 19.00 16.33
C LYS B 103 16.01 17.84 15.71
N GLU B 104 16.34 16.81 16.53
CA GLU B 104 17.17 15.69 16.11
C GLU B 104 16.34 14.41 16.04
N TRP B 105 16.68 13.53 15.08
CA TRP B 105 16.04 12.24 14.87
C TRP B 105 16.75 11.17 15.68
N ASN B 106 15.95 10.36 16.42
CA ASN B 106 16.49 9.25 17.20
C ASN B 106 16.26 7.94 16.47
N GLY B 107 16.50 6.80 17.14
CA GLY B 107 16.17 5.49 16.62
C GLY B 107 16.87 5.16 15.30
N MET B 108 16.27 4.24 14.53
CA MET B 108 16.81 3.80 13.26
C MET B 108 16.90 4.97 12.27
N MET B 109 15.95 5.92 12.36
CA MET B 109 15.92 7.11 11.54
C MET B 109 17.19 7.95 11.74
N GLY B 110 17.56 8.22 13.00
CA GLY B 110 18.77 8.95 13.35
C GLY B 110 20.02 8.29 12.78
N GLU B 111 20.07 6.95 12.86
CA GLU B 111 21.22 6.18 12.45
C GLU B 111 21.37 6.18 10.93
N LEU B 112 20.25 6.28 10.19
CA LEU B 112 20.28 6.34 8.73
C LEU B 112 20.91 7.66 8.28
N LEU B 113 20.48 8.77 8.90
CA LEU B 113 20.85 10.11 8.49
C LEU B 113 22.30 10.45 8.86
N SER B 114 22.69 10.13 10.11
CA SER B 114 24.02 10.37 10.61
C SER B 114 25.09 9.47 9.95
N GLY B 115 24.69 8.40 9.24
CA GLY B 115 25.63 7.58 8.50
C GLY B 115 25.95 6.23 9.16
N GLN B 116 25.53 6.10 10.43
CA GLN B 116 25.66 4.85 11.19
C GLN B 116 25.05 3.67 10.44
N ALA B 117 23.95 3.91 9.69
CA ALA B 117 23.36 2.91 8.79
C ALA B 117 23.31 3.42 7.34
N ASP B 118 23.28 2.47 6.40
CA ASP B 118 23.05 2.73 4.98
C ASP B 118 21.63 2.34 4.54
N MET B 119 20.99 1.39 5.25
CA MET B 119 19.67 0.90 4.91
C MET B 119 18.93 0.40 6.17
N ILE B 120 17.65 0.78 6.31
CA ILE B 120 16.78 0.28 7.36
C ILE B 120 15.94 -0.88 6.82
N VAL B 121 16.06 -2.06 7.44
CA VAL B 121 15.29 -3.23 7.04
C VAL B 121 14.52 -3.76 8.25
N ALA B 122 13.20 -3.50 8.27
CA ALA B 122 12.43 -3.50 9.50
C ALA B 122 10.98 -3.16 9.20
N PRO B 123 10.02 -3.41 10.12
CA PRO B 123 8.64 -3.00 9.92
C PRO B 123 8.49 -1.50 10.19
N LEU B 124 9.12 -0.71 9.30
CA LEU B 124 9.24 0.73 9.49
C LEU B 124 8.08 1.42 8.80
N THR B 125 7.25 2.10 9.57
CA THR B 125 6.03 2.72 9.05
C THR B 125 6.39 3.87 8.11
N ILE B 126 5.81 3.83 6.90
CA ILE B 126 5.93 4.90 5.91
C ILE B 126 4.96 6.00 6.28
N ASN B 127 5.48 7.21 6.58
CA ASN B 127 4.64 8.39 6.80
C ASN B 127 5.27 9.66 6.24
N ASN B 128 4.50 10.75 6.27
CA ASN B 128 4.89 12.05 5.72
C ASN B 128 6.16 12.59 6.40
N GLU B 129 6.11 12.83 7.73
CA GLU B 129 7.25 13.31 8.51
C GLU B 129 8.55 12.67 8.04
N ARG B 130 8.64 11.33 8.12
CA ARG B 130 9.87 10.62 7.84
C ARG B 130 10.28 10.73 6.38
N ALA B 131 9.32 10.71 5.45
CA ALA B 131 9.61 10.81 4.02
C ALA B 131 10.21 12.17 3.62
N GLN B 132 10.07 13.21 4.46
CA GLN B 132 10.74 14.50 4.23
C GLN B 132 12.26 14.39 4.31
N TYR B 133 12.79 13.44 5.12
CA TYR B 133 14.22 13.30 5.39
C TYR B 133 14.86 12.06 4.78
N ILE B 134 14.10 10.97 4.52
CA ILE B 134 14.65 9.76 3.91
C ILE B 134 13.81 9.32 2.71
N GLU B 135 14.33 8.36 1.95
CA GLU B 135 13.57 7.66 0.93
C GLU B 135 12.99 6.35 1.46
N PHE B 136 11.72 6.09 1.14
CA PHE B 136 11.09 4.82 1.42
C PHE B 136 10.94 4.06 0.11
N SER B 137 11.15 2.75 0.15
CA SER B 137 10.78 1.89 -0.97
C SER B 137 9.26 1.84 -1.14
N LYS B 138 8.81 1.27 -2.25
CA LYS B 138 7.41 0.88 -2.39
C LYS B 138 7.05 -0.08 -1.26
N PRO B 139 5.84 0.00 -0.68
CA PRO B 139 5.51 -0.81 0.49
C PRO B 139 5.77 -2.30 0.24
N PHE B 140 6.43 -2.98 1.17
CA PHE B 140 6.49 -4.44 1.15
C PHE B 140 5.29 -5.03 1.91
N LYS B 141 4.59 -4.25 2.74
CA LYS B 141 3.36 -4.71 3.36
C LYS B 141 2.47 -3.50 3.67
N TYR B 142 1.16 -3.71 3.81
CA TYR B 142 0.15 -2.68 4.02
C TYR B 142 -0.69 -3.11 5.21
N GLN B 143 -0.85 -2.25 6.23
CA GLN B 143 -1.47 -2.67 7.48
C GLN B 143 -1.98 -1.46 8.26
N GLY B 144 -2.63 -1.72 9.40
CA GLY B 144 -3.31 -0.69 10.17
C GLY B 144 -2.80 -0.61 11.60
N LEU B 145 -3.56 0.11 12.43
CA LEU B 145 -3.33 0.23 13.86
C LEU B 145 -4.46 -0.50 14.55
N THR B 146 -4.15 -1.15 15.69
CA THR B 146 -5.21 -1.74 16.50
C THR B 146 -4.81 -1.72 17.97
N ILE B 147 -5.70 -2.28 18.81
CA ILE B 147 -5.53 -2.29 20.25
C ILE B 147 -5.49 -3.73 20.72
N LEU B 148 -4.42 -4.10 21.44
CA LEU B 148 -4.29 -5.42 22.03
C LEU B 148 -4.84 -5.35 23.44
N VAL B 149 -5.79 -6.24 23.76
CA VAL B 149 -6.37 -6.31 25.09
C VAL B 149 -6.50 -7.77 25.55
N LYS B 150 -6.80 -7.91 26.84
CA LYS B 150 -7.18 -9.19 27.40
C LYS B 150 -8.49 -9.64 26.76
N LYS B 151 -8.63 -10.95 26.53
CA LYS B 151 -9.88 -11.50 26.00
C LYS B 151 -11.05 -11.15 26.91
N GLY B 152 -12.12 -10.60 26.30
CA GLY B 152 -13.29 -10.10 27.01
C GLY B 152 -13.11 -8.66 27.50
N THR B 153 -12.52 -7.80 26.66
CA THR B 153 -12.40 -6.38 26.92
C THR B 153 -12.83 -5.63 25.66
N ARG B 154 -14.14 -5.38 25.52
CA ARG B 154 -14.65 -4.73 24.32
C ARG B 154 -14.26 -3.25 24.33
N ILE B 155 -13.36 -2.87 23.41
CA ILE B 155 -13.10 -1.47 23.09
C ILE B 155 -13.85 -1.16 21.80
N THR B 156 -14.61 -0.06 21.83
CA THR B 156 -15.41 0.37 20.68
C THR B 156 -14.49 1.01 19.63
N GLY B 157 -13.70 2.00 20.06
CA GLY B 157 -12.81 2.71 19.16
C GLY B 157 -11.97 3.75 19.91
N ILE B 158 -11.47 4.74 19.16
CA ILE B 158 -10.56 5.76 19.69
C ILE B 158 -11.23 6.60 20.79
N ASN B 159 -12.57 6.75 20.71
CA ASN B 159 -13.33 7.66 21.56
C ASN B 159 -13.94 6.99 22.80
N ASP B 160 -13.36 5.89 23.28
CA ASP B 160 -13.92 5.17 24.42
C ASP B 160 -13.81 6.00 25.70
N PRO B 161 -14.81 5.93 26.62
CA PRO B 161 -14.71 6.56 27.95
C PRO B 161 -13.42 6.34 28.72
N ARG B 162 -12.93 5.10 28.76
CA ARG B 162 -11.74 4.75 29.54
C ARG B 162 -10.47 5.40 28.97
N LEU B 163 -10.50 5.75 27.67
CA LEU B 163 -9.40 6.43 26.99
C LEU B 163 -9.57 7.95 27.10
N ARG B 164 -10.73 8.45 26.64
CA ARG B 164 -11.01 9.89 26.53
C ARG B 164 -11.00 10.52 27.91
N ASN B 165 -11.56 9.81 28.91
CA ASN B 165 -11.51 10.15 30.31
C ASN B 165 -10.62 9.12 31.03
N PRO B 166 -9.28 9.28 31.05
CA PRO B 166 -8.39 8.26 31.61
C PRO B 166 -8.39 8.16 33.13
N SER B 167 -7.71 7.13 33.66
CA SER B 167 -7.60 6.85 35.09
C SER B 167 -6.55 5.76 35.37
N ASP B 168 -6.24 5.54 36.66
CA ASP B 168 -5.36 4.46 37.08
C ASP B 168 -6.06 3.10 37.05
N LYS B 169 -7.38 3.08 36.91
CA LYS B 169 -8.16 1.84 36.83
C LYS B 169 -8.06 1.19 35.44
N PHE B 170 -7.61 1.94 34.42
CA PHE B 170 -7.53 1.39 33.06
C PHE B 170 -6.38 2.05 32.28
N ILE B 171 -5.20 1.45 32.39
CA ILE B 171 -3.96 1.93 31.80
C ILE B 171 -3.83 1.52 30.32
N TYR B 172 -3.37 2.45 29.49
CA TYR B 172 -3.13 2.19 28.09
C TYR B 172 -1.89 2.94 27.61
N ALA B 173 -1.29 2.48 26.51
CA ALA B 173 0.04 2.94 26.15
C ALA B 173 0.38 2.51 24.74
N THR B 174 1.59 2.92 24.30
CA THR B 174 2.21 2.49 23.06
C THR B 174 3.70 2.42 23.34
N VAL B 175 4.51 2.31 22.28
CA VAL B 175 5.96 2.24 22.44
C VAL B 175 6.54 3.63 22.28
N LYS B 176 7.50 3.97 23.15
CA LYS B 176 8.20 5.25 23.08
C LYS B 176 9.00 5.36 21.77
N GLN B 177 8.90 6.54 21.14
CA GLN B 177 9.74 6.93 20.01
C GLN B 177 9.46 6.06 18.79
N SER B 178 8.16 5.85 18.57
CA SER B 178 7.58 5.36 17.32
C SER B 178 6.74 6.49 16.73
N SER B 179 6.32 6.36 15.47
CA SER B 179 5.38 7.29 14.85
C SER B 179 4.04 7.33 15.57
N VAL B 180 3.65 6.25 16.25
CA VAL B 180 2.43 6.25 17.06
C VAL B 180 2.56 7.26 18.21
N ASP B 181 3.73 7.31 18.87
CA ASP B 181 3.95 8.13 20.05
C ASP B 181 3.84 9.62 19.77
N ILE B 182 4.72 10.16 18.89
CA ILE B 182 4.72 11.58 18.51
C ILE B 182 3.38 12.02 17.92
N TYR B 183 2.66 11.11 17.29
CA TYR B 183 1.35 11.45 16.76
C TYR B 183 0.38 11.68 17.92
N PHE B 184 0.43 10.83 18.94
CA PHE B 184 -0.40 11.03 20.13
C PHE B 184 0.03 12.28 20.92
N ARG B 185 1.34 12.55 21.04
CA ARG B 185 1.85 13.71 21.77
C ARG B 185 1.52 15.00 21.02
N ARG B 186 2.02 15.09 19.77
CA ARG B 186 2.05 16.34 19.00
C ARG B 186 0.73 16.61 18.29
N GLN B 187 -0.02 15.56 17.90
CA GLN B 187 -1.05 15.72 16.88
C GLN B 187 -2.46 15.44 17.38
N VAL B 188 -2.65 14.56 18.37
CA VAL B 188 -4.00 14.13 18.76
C VAL B 188 -4.80 15.32 19.25
N GLU B 189 -6.13 15.30 19.03
CA GLU B 189 -7.02 16.37 19.49
C GLU B 189 -7.57 15.98 20.86
N LEU B 190 -6.68 15.82 21.84
CA LEU B 190 -7.04 15.29 23.15
C LEU B 190 -5.89 15.52 24.14
N SER B 191 -6.19 16.24 25.23
CA SER B 191 -5.17 16.66 26.18
C SER B 191 -4.70 15.49 27.05
N THR B 192 -5.62 14.91 27.85
CA THR B 192 -5.24 14.05 28.98
C THR B 192 -4.64 12.72 28.51
N MET B 193 -4.97 12.30 27.28
CA MET B 193 -4.54 11.00 26.75
C MET B 193 -3.02 10.87 26.71
N TYR B 194 -2.32 11.89 26.18
CA TYR B 194 -0.87 11.87 26.10
C TYR B 194 -0.24 12.04 27.49
N ARG B 195 -0.90 12.80 28.39
CA ARG B 195 -0.43 12.99 29.77
C ARG B 195 -0.40 11.67 30.53
N HIS B 196 -1.51 10.91 30.40
CA HIS B 196 -1.62 9.52 30.86
C HIS B 196 -0.57 8.61 30.18
N MET B 197 -0.63 8.54 28.84
CA MET B 197 0.24 7.69 28.03
C MET B 197 1.73 7.98 28.25
N GLU B 198 2.11 9.24 28.48
CA GLU B 198 3.52 9.59 28.69
C GLU B 198 4.04 8.94 29.98
N LYS B 199 3.15 8.78 30.99
CA LYS B 199 3.47 8.09 32.23
C LYS B 199 3.80 6.61 31.99
N HIS B 200 3.14 5.96 31.03
CA HIS B 200 3.07 4.50 30.93
C HIS B 200 3.79 3.88 29.73
N ASN B 201 4.14 4.65 28.68
CA ASN B 201 4.64 4.10 27.42
C ASN B 201 5.86 3.21 27.63
N TYR B 202 6.01 2.17 26.79
CA TYR B 202 7.04 1.13 26.95
C TYR B 202 8.23 1.38 26.02
N GLU B 203 9.38 0.78 26.37
CA GLU B 203 10.62 0.94 25.62
C GLU B 203 10.59 0.06 24.38
N SER B 204 9.97 -1.13 24.49
CA SER B 204 9.90 -2.09 23.40
C SER B 204 8.48 -2.70 23.32
N ALA B 205 8.14 -3.26 22.17
CA ALA B 205 6.83 -3.83 21.94
C ALA B 205 6.65 -5.14 22.72
N ALA B 206 7.70 -5.95 22.79
CA ALA B 206 7.71 -7.19 23.56
C ALA B 206 7.33 -6.94 25.04
N GLU B 207 7.85 -5.87 25.64
CA GLU B 207 7.55 -5.56 27.04
C GLU B 207 6.08 -5.20 27.24
N ALA B 208 5.53 -4.40 26.32
CA ALA B 208 4.13 -4.00 26.41
C ALA B 208 3.21 -5.20 26.15
N ILE B 209 3.59 -6.11 25.24
CA ILE B 209 2.74 -7.27 24.95
C ILE B 209 2.67 -8.16 26.19
N GLN B 210 3.80 -8.35 26.87
CA GLN B 210 3.86 -9.12 28.11
C GLN B 210 3.11 -8.44 29.26
N ALA B 211 3.15 -7.10 29.32
CA ALA B 211 2.41 -6.33 30.32
C ALA B 211 0.91 -6.50 30.19
N VAL B 212 0.40 -6.59 28.95
CA VAL B 212 -1.00 -6.86 28.74
C VAL B 212 -1.37 -8.25 29.30
N ARG B 213 -0.46 -9.23 29.19
CA ARG B 213 -0.70 -10.58 29.68
C ARG B 213 -0.67 -10.62 31.21
N ASP B 214 0.31 -9.94 31.80
CA ASP B 214 0.50 -9.89 33.25
C ASP B 214 -0.38 -8.81 33.91
N ASN B 215 -1.29 -8.19 33.15
CA ASN B 215 -2.26 -7.20 33.62
C ASN B 215 -1.61 -5.91 34.14
N LYS B 216 -0.34 -5.63 33.80
CA LYS B 216 0.31 -4.36 34.10
C LYS B 216 -0.21 -3.25 33.19
N LEU B 217 -0.69 -3.62 31.98
CA LEU B 217 -1.16 -2.70 30.95
C LEU B 217 -2.47 -3.24 30.45
N HIS B 218 -3.47 -2.38 30.25
CA HIS B 218 -4.81 -2.86 29.89
C HIS B 218 -5.08 -2.73 28.40
N ALA B 219 -4.31 -1.89 27.69
CA ALA B 219 -4.46 -1.76 26.24
C ALA B 219 -3.16 -1.27 25.62
N PHE B 220 -2.70 -1.99 24.57
CA PHE B 220 -1.50 -1.63 23.84
C PHE B 220 -1.90 -1.25 22.42
N ILE B 221 -1.63 0.01 22.06
CA ILE B 221 -1.93 0.57 20.74
C ILE B 221 -0.71 0.37 19.84
N TRP B 222 -0.87 -0.38 18.73
CA TRP B 222 0.32 -0.78 17.98
C TRP B 222 -0.05 -1.37 16.62
N ASP B 223 0.96 -1.59 15.76
CA ASP B 223 0.80 -2.22 14.45
C ASP B 223 -0.10 -3.47 14.49
N SER B 224 -1.10 -3.50 13.61
CA SER B 224 -1.99 -4.63 13.44
C SER B 224 -1.27 -5.89 12.92
N ALA B 225 -0.23 -5.74 12.10
CA ALA B 225 0.55 -6.89 11.61
C ALA B 225 1.28 -7.64 12.73
N VAL B 226 1.82 -6.90 13.71
CA VAL B 226 2.43 -7.50 14.91
C VAL B 226 1.39 -8.04 15.89
N LEU B 227 0.32 -7.30 16.20
CA LEU B 227 -0.64 -7.64 17.26
C LEU B 227 -1.55 -8.79 16.83
N GLU B 228 -1.93 -8.86 15.55
CA GLU B 228 -2.73 -9.97 15.05
C GLU B 228 -1.93 -11.27 15.09
N PHE B 229 -0.63 -11.21 14.76
CA PHE B 229 0.26 -12.36 14.90
C PHE B 229 0.31 -12.75 16.38
N GLU B 230 0.52 -11.76 17.28
CA GLU B 230 0.59 -12.06 18.71
C GLU B 230 -0.69 -12.71 19.24
N ALA B 231 -1.87 -12.20 18.83
CA ALA B 231 -3.15 -12.73 19.27
C ALA B 231 -3.42 -14.12 18.72
N SER B 232 -2.85 -14.45 17.54
CA SER B 232 -3.02 -15.78 16.94
C SER B 232 -2.40 -16.89 17.78
N GLN B 233 -1.33 -16.54 18.50
CA GLN B 233 -0.52 -17.50 19.24
C GLN B 233 -0.86 -17.51 20.72
N LYS B 234 -1.63 -16.50 21.18
CA LYS B 234 -1.94 -16.30 22.58
C LYS B 234 -3.45 -16.17 22.74
N CYS B 235 -4.06 -17.17 23.38
CA CYS B 235 -5.51 -17.33 23.41
C CYS B 235 -6.16 -16.46 24.49
N ASP B 236 -5.34 -15.92 25.37
CA ASP B 236 -5.75 -14.87 26.31
C ASP B 236 -5.85 -13.49 25.67
N LEU B 237 -5.33 -13.28 24.46
CA LEU B 237 -5.25 -11.94 23.87
C LEU B 237 -6.10 -11.84 22.61
N VAL B 238 -6.79 -10.71 22.45
CA VAL B 238 -7.49 -10.36 21.23
C VAL B 238 -7.08 -8.95 20.81
N THR B 239 -7.31 -8.62 19.54
CA THR B 239 -7.27 -7.26 19.05
C THR B 239 -8.69 -6.73 18.89
N THR B 240 -8.82 -5.41 18.96
CA THR B 240 -10.11 -4.75 18.92
C THR B 240 -9.91 -3.39 18.26
N GLY B 241 -10.54 -3.21 17.09
CA GLY B 241 -10.50 -1.95 16.37
C GLY B 241 -9.63 -2.01 15.11
N GLU B 242 -10.13 -1.44 14.00
CA GLU B 242 -9.29 -0.86 12.97
C GLU B 242 -9.30 0.64 13.24
N LEU B 243 -8.41 1.07 14.14
CA LEU B 243 -8.22 2.48 14.45
C LEU B 243 -7.64 3.21 13.24
N PHE B 244 -8.13 4.43 13.01
CA PHE B 244 -7.59 5.32 11.99
C PHE B 244 -7.59 4.63 10.62
N PHE B 245 -6.44 4.73 9.95
CA PHE B 245 -6.28 4.47 8.52
C PHE B 245 -5.08 3.52 8.37
N ARG B 246 -4.88 3.03 7.15
CA ARG B 246 -3.81 2.10 6.86
C ARG B 246 -2.56 2.82 6.36
N SER B 247 -1.43 2.16 6.56
CA SER B 247 -0.13 2.67 6.17
C SER B 247 0.77 1.47 5.88
N GLY B 248 1.87 1.71 5.14
CA GLY B 248 2.73 0.62 4.73
C GLY B 248 4.00 0.47 5.57
N PHE B 249 4.68 -0.65 5.37
CA PHE B 249 6.07 -0.84 5.73
C PHE B 249 6.92 -0.76 4.46
N GLY B 250 8.08 -0.10 4.56
CA GLY B 250 9.04 -0.11 3.47
C GLY B 250 10.48 -0.07 3.97
N ILE B 251 11.40 -0.38 3.05
CA ILE B 251 12.83 -0.20 3.25
C ILE B 251 13.13 1.29 3.37
N GLY B 252 14.01 1.66 4.32
CA GLY B 252 14.46 3.04 4.46
C GLY B 252 15.87 3.25 3.91
N MET B 253 16.06 4.33 3.12
CA MET B 253 17.35 4.73 2.55
C MET B 253 17.49 6.25 2.60
N ARG B 254 18.73 6.73 2.41
CA ARG B 254 18.99 8.16 2.30
C ARG B 254 18.43 8.64 0.97
N LYS B 255 18.12 9.94 0.89
CA LYS B 255 17.31 10.49 -0.19
C LYS B 255 17.96 10.32 -1.57
N ASP B 256 19.28 10.42 -1.67
CA ASP B 256 19.94 10.25 -2.96
C ASP B 256 21.07 9.24 -2.85
N SER B 257 20.71 8.03 -2.39
CA SER B 257 21.52 6.84 -2.56
C SER B 257 21.16 6.22 -3.91
N PRO B 258 22.10 5.52 -4.57
CA PRO B 258 21.85 4.93 -5.89
C PRO B 258 21.08 3.62 -5.90
N TRP B 259 20.58 3.19 -4.74
CA TRP B 259 19.84 1.93 -4.63
C TRP B 259 18.34 2.11 -4.79
N LYS B 260 17.85 3.35 -4.82
CA LYS B 260 16.43 3.65 -4.70
C LYS B 260 15.60 2.87 -5.72
N GLN B 261 15.98 2.96 -7.00
CA GLN B 261 15.18 2.41 -8.08
C GLN B 261 15.08 0.89 -7.91
N ASN B 262 16.24 0.24 -7.68
CA ASN B 262 16.31 -1.23 -7.75
C ASN B 262 15.70 -1.90 -6.52
N VAL B 263 15.75 -1.25 -5.35
CA VAL B 263 15.07 -1.72 -4.15
C VAL B 263 13.56 -1.77 -4.39
N SER B 264 12.99 -0.73 -4.99
CA SER B 264 11.56 -0.68 -5.31
C SER B 264 11.20 -1.63 -6.45
N LEU B 265 12.07 -1.76 -7.45
CA LEU B 265 11.81 -2.70 -8.54
C LEU B 265 11.74 -4.12 -7.97
N SER B 266 12.66 -4.44 -7.04
CA SER B 266 12.74 -5.77 -6.45
C SER B 266 11.49 -6.09 -5.64
N ILE B 267 11.04 -5.14 -4.80
CA ILE B 267 9.84 -5.35 -4.01
C ILE B 267 8.62 -5.57 -4.90
N LEU B 268 8.45 -4.77 -5.96
CA LEU B 268 7.31 -4.96 -6.87
C LEU B 268 7.38 -6.31 -7.57
N LYS B 269 8.58 -6.68 -8.05
CA LYS B 269 8.81 -8.02 -8.59
C LYS B 269 8.50 -9.09 -7.54
N SER B 270 8.95 -8.90 -6.28
CA SER B 270 8.62 -9.80 -5.19
C SER B 270 7.10 -9.98 -4.95
N HIS B 271 6.30 -8.93 -5.17
CA HIS B 271 4.84 -9.05 -5.00
C HIS B 271 4.20 -9.80 -6.16
N GLU B 272 4.77 -9.70 -7.37
CA GLU B 272 4.14 -10.24 -8.57
C GLU B 272 4.48 -11.72 -8.76
N ASN B 273 5.68 -12.14 -8.34
CA ASN B 273 6.14 -13.51 -8.49
C ASN B 273 5.85 -14.36 -7.25
N GLY B 274 5.09 -13.80 -6.26
CA GLY B 274 4.58 -14.58 -5.13
C GLY B 274 5.59 -14.77 -3.97
N PHE B 275 6.82 -14.27 -4.15
CA PHE B 275 7.80 -14.28 -3.08
C PHE B 275 7.27 -13.61 -1.82
N MET B 276 6.56 -12.47 -1.90
CA MET B 276 6.07 -11.78 -0.69
C MET B 276 4.97 -12.59 0.02
N GLU B 277 4.05 -13.14 -0.77
CA GLU B 277 2.98 -14.02 -0.28
C GLU B 277 3.59 -15.19 0.50
N ASP B 278 4.71 -15.75 0.00
CA ASP B 278 5.40 -16.85 0.65
C ASP B 278 5.98 -16.44 2.01
N LEU B 279 6.58 -15.24 2.08
CA LEU B 279 7.06 -14.66 3.33
C LEU B 279 5.91 -14.54 4.35
N ASP B 280 4.73 -14.15 3.88
CA ASP B 280 3.55 -14.10 4.74
C ASP B 280 3.20 -15.49 5.24
N LYS B 281 3.20 -16.49 4.36
CA LYS B 281 2.81 -17.85 4.74
C LYS B 281 3.80 -18.44 5.76
N THR B 282 5.09 -18.20 5.54
CA THR B 282 6.14 -18.67 6.42
C THR B 282 6.03 -18.04 7.82
N TRP B 283 5.89 -16.70 7.91
CA TRP B 283 6.17 -15.96 9.12
C TRP B 283 4.97 -15.34 9.84
N VAL B 284 3.86 -15.09 9.12
CA VAL B 284 2.81 -14.21 9.64
C VAL B 284 1.49 -14.95 9.81
N ARG B 285 1.04 -15.64 8.77
CA ARG B 285 -0.27 -16.27 8.76
C ARG B 285 -0.24 -17.50 9.66
N TYR B 286 -1.02 -17.43 10.73
CA TYR B 286 -0.99 -18.42 11.80
C TYR B 286 -2.29 -18.34 12.59
N GLN B 287 -2.79 -19.50 13.05
CA GLN B 287 -3.98 -19.53 13.91
C GLN B 287 -4.00 -20.84 14.71
N GLU B 288 -4.47 -20.78 15.97
CA GLU B 288 -4.70 -21.99 16.75
C GLU B 288 -5.74 -21.84 17.86
N CYS B 289 -6.25 -20.62 18.13
CA CYS B 289 -7.10 -20.35 19.29
C CYS B 289 -8.60 -20.38 18.89
C1 A1ILS C . -2.10 -9.13 -12.75
C2 A1ILS C . -0.96 -8.23 -12.31
C3 A1ILS C . 0.29 -8.47 -12.86
C8 A1ILS C . -2.39 -6.67 -10.68
C11 A1ILS C . -4.79 -5.64 -9.49
C12 A1ILS C . -4.51 -5.26 -10.78
C13 A1ILS C . -3.30 -5.77 -11.45
C14 A1ILS C . -3.25 -5.24 -12.79
C23 A1ILS C . -4.31 -0.27 -15.33
C4 A1ILS C . 1.40 -7.71 -12.54
C5 A1ILS C . 1.24 -6.66 -11.63
C6 A1ILS C . 0.00 -6.37 -11.02
C7 A1ILS C . -1.13 -7.12 -11.32
C9 A1ILS C . -2.72 -6.97 -9.39
C10 A1ILS C . -3.91 -6.49 -8.81
C15 A1ILS C . -4.41 -4.48 -12.88
N16 A1ILS C . -5.13 -4.53 -11.71
C17 A1ILS C . -4.79 -3.70 -14.11
N18 A1ILS C . -5.79 -2.83 -14.02
O19 A1ILS C . -4.12 -3.83 -15.13
C20 A1ILS C . -6.13 -1.90 -15.10
C21 A1ILS C . -5.67 -0.47 -14.84
N22 A1ILS C . -5.75 -0.11 -13.39
O24 A1ILS C . -3.53 0.46 -14.72
O25 A1ILS C . -3.87 -0.88 -16.58
C28 A1ILS C . -1.82 -10.50 -12.21
H12 A1ILS C . -3.06 -8.76 -12.35
H1 A1ILS C . -2.16 -9.16 -13.84
H3 A1ILS C . 0.42 -9.28 -13.55
H11 A1ILS C . -5.71 -5.30 -9.01
H14 A1ILS C . -2.92 -5.96 -13.44
H4 A1ILS C . 2.37 -7.93 -12.97
H5 A1ILS C . 2.10 -6.06 -11.36
H6 A1ILS C . -0.08 -5.52 -10.35
H9 A1ILS C . -2.07 -7.61 -8.81
H10 A1ILS C . -4.13 -6.77 -7.79
HN16 A1ILS C . -6.03 -4.03 -11.53
HN18 A1ILS C . -6.32 -2.75 -13.17
H20 A1ILS C . -7.20 -1.88 -15.18
H201 A1ILS C . -5.73 -2.26 -16.04
H21 A1ILS C . -6.34 0.20 -15.39
HN21 A1ILS C . -5.04 -0.63 -12.85
HN23 A1ILS C . -6.69 -0.34 -13.03
H28 A1ILS C . -2.09 -10.54 -11.19
H281 A1ILS C . -0.78 -10.73 -12.29
H282 A1ILS C . -2.38 -11.20 -12.75
HN22 A1ILS C . -5.59 0.91 -13.28
C1 A1ILS D . -1.69 6.89 13.27
C2 A1ILS D . -0.71 7.47 12.28
C3 A1ILS D . -0.51 8.85 12.27
C8 A1ILS D . -0.03 5.16 11.34
C11 A1ILS D . -0.34 2.31 11.37
C12 A1ILS D . 0.76 2.85 12.01
C13 A1ILS D . 0.98 4.31 12.05
C14 A1ILS D . 2.15 4.57 12.80
C23 A1ILS D . 7.35 2.48 13.56
C4 A1ILS D . 0.41 9.42 11.38
C5 A1ILS D . 1.14 8.63 10.49
C6 A1ILS D . 0.98 7.24 10.47
C7 A1ILS D . 0.11 6.63 11.34
C9 A1ILS D . -1.11 4.53 10.69
C10 A1ILS D . -1.25 3.14 10.74
C15 A1ILS D . 2.61 3.30 13.18
N16 A1ILS D . 1.79 2.31 12.72
C17 A1ILS D . 3.84 3.04 13.98
N18 A1ILS D . 4.29 1.79 14.07
O19 A1ILS D . 4.40 3.95 14.54
C20 A1ILS D . 5.47 1.39 14.84
C21 A1ILS D . 6.67 1.17 13.93
N22 A1ILS D . 6.24 0.43 12.75
O24 A1ILS D . 7.90 2.65 12.48
O25 A1ILS D . 7.42 3.57 14.50
C28 A1ILS D . -0.89 6.72 14.53
H12 A1ILS D . -2.51 7.58 13.44
H1 A1ILS D . -2.08 5.93 12.93
H3 A1ILS D . -1.08 9.48 12.94
H11 A1ILS D . -0.48 1.24 11.36
H14 A1ILS D . 1.99 5.37 13.42
H4 A1ILS D . 0.53 10.49 11.35
H5 A1ILS D . 1.83 9.10 9.81
H6 A1ILS D . 1.57 6.65 9.79
H9 A1ILS D . -1.85 5.13 10.19
H10 A1ILS D . -2.08 2.68 10.22
HN16 A1ILS D . 1.92 1.30 12.89
HN18 A1ILS D . 3.80 1.05 13.59
H20 A1ILS D . 5.23 0.46 15.32
H201 A1ILS D . 5.69 2.13 15.60
H21 A1ILS D . 7.39 0.55 14.49
HN21 A1ILS D . 5.74 1.06 12.10
HN23 A1ILS D . 5.63 -0.34 13.02
H28 A1ILS D . -0.48 7.66 14.83
H281 A1ILS D . -0.11 6.02 14.38
H282 A1ILS D . -1.53 6.36 15.30
HN22 A1ILS D . 7.08 0.05 12.28
#